data_5RBQ
#
_entry.id   5RBQ
#
_cell.length_a   45.058
_cell.length_b   73.496
_cell.length_c   52.116
_cell.angle_alpha   90.000
_cell.angle_beta   109.020
_cell.angle_gamma   90.000
#
_symmetry.space_group_name_H-M   'P 1 21 1'
#
loop_
_entity.id
_entity.type
_entity.pdbx_description
1 polymer Endothiapepsin
2 non-polymer (1S)-1-(4-nitrophenyl)ethan-1-ol
3 non-polymer 'DIMETHYL SULFOXIDE'
4 non-polymer GLYCEROL
5 non-polymer 'ACETATE ION'
6 non-polymer 'TETRAETHYLENE GLYCOL'
7 non-polymer 'SODIUM ION'
8 water water
#
_entity_poly.entity_id   1
_entity_poly.type   'polypeptide(L)'
_entity_poly.pdbx_seq_one_letter_code
;MSSPLKNALVTAMLAGGALSSPTKQHVGIPVNASPEVGPGKYSFKQVRNPNYKFNGPLSVKKTYLKYGVPIPAWLEDAVQ
NSTSGLAERSTGSATTTPIDSLDDAYITPVQIGTPAQTLNLDFDTGSSDLWVFSSETTASEVDGQTIYTPSKSTTAKLLS
GATWSISYGDGSSSSGDVYTDTVSVGGLTVTGQAVESAKKVSSSFTEDSTIDGLLGLAFSTLNTVSPTQQKTFFDNAKAS
LDSPVFTADLGYHAPGTYNFGFIDTTAYTGSITYTAVSTKQGFWEWTSTGYAVGSGTFKSTSIDGIADTGTTLLYLPATV
VSAYWAQVSGAKSSSSVGGYVFPCSATLPSFTFGVGSARIVIPGDYIDFGPISTGSSSCFGGIQSSAGIGINIFGDVALK
AAFVVFNGATTPTLGFASK
;
_entity_poly.pdbx_strand_id   A
#
loop_
_chem_comp.id
_chem_comp.type
_chem_comp.name
_chem_comp.formula
ACT non-polymer 'ACETATE ION' 'C2 H3 O2 -1'
DMS non-polymer 'DIMETHYL SULFOXIDE' 'C2 H6 O S'
GOL non-polymer GLYCEROL 'C3 H8 O3'
NA non-polymer 'SODIUM ION' 'Na 1'
PG4 non-polymer 'TETRAETHYLENE GLYCOL' 'C8 H18 O5'
R8P non-polymer (1S)-1-(4-nitrophenyl)ethan-1-ol 'C8 H9 N O3'
#
# COMPACT_ATOMS: atom_id res chain seq x y z
N SER A 90 14.69 -19.54 3.44
CA SER A 90 14.73 -18.84 2.13
C SER A 90 14.60 -17.33 2.37
N THR A 91 14.98 -16.60 1.35
CA THR A 91 14.81 -15.13 1.31
C THR A 91 14.44 -14.75 -0.11
N GLY A 92 13.96 -13.52 -0.24
CA GLY A 92 13.83 -12.89 -1.56
C GLY A 92 14.19 -11.44 -1.48
N SER A 93 14.60 -10.85 -2.57
CA SER A 93 14.99 -9.43 -2.63
C SER A 93 14.63 -8.91 -3.99
N ALA A 94 13.79 -7.89 -4.09
CA ALA A 94 13.35 -7.35 -5.39
C ALA A 94 13.47 -5.84 -5.35
N THR A 95 13.86 -5.26 -6.44
CA THR A 95 13.87 -3.80 -6.57
C THR A 95 12.48 -3.27 -6.88
N THR A 96 12.11 -2.17 -6.24
CA THR A 96 10.83 -1.49 -6.46
C THR A 96 11.12 -0.12 -7.05
N THR A 97 10.34 0.28 -8.04
CA THR A 97 10.71 1.43 -8.89
C THR A 97 9.50 2.37 -8.90
N PRO A 98 9.68 3.68 -8.72
N PRO A 98 9.67 3.69 -8.66
N PRO A 98 9.68 3.68 -8.72
N PRO A 98 9.67 3.69 -8.66
CA PRO A 98 8.54 4.60 -8.78
CA PRO A 98 8.58 4.63 -8.91
CA PRO A 98 8.54 4.60 -8.78
CA PRO A 98 8.58 4.63 -8.91
C PRO A 98 7.98 4.64 -10.22
C PRO A 98 7.97 4.53 -10.31
C PRO A 98 7.98 4.64 -10.22
C PRO A 98 7.96 4.53 -10.30
N ILE A 99 6.66 4.69 -10.33
CA ILE A 99 5.96 4.63 -11.63
C ILE A 99 6.10 5.94 -12.38
N ASP A 100 6.43 7.03 -11.74
CA ASP A 100 6.45 8.34 -12.40
C ASP A 100 7.31 9.25 -11.57
N SER A 101 7.46 10.51 -12.01
CA SER A 101 8.39 11.47 -11.40
C SER A 101 7.90 11.99 -10.05
N LEU A 102 6.72 11.64 -9.63
CA LEU A 102 6.18 12.10 -8.35
C LEU A 102 6.23 11.02 -7.28
N ASP A 103 6.68 9.81 -7.62
CA ASP A 103 6.59 8.66 -6.69
C ASP A 103 5.13 8.41 -6.37
N ASP A 104 4.24 8.40 -7.34
CA ASP A 104 2.85 8.16 -7.05
C ASP A 104 2.58 6.74 -6.55
N ALA A 105 3.39 5.82 -7.00
CA ALA A 105 3.32 4.40 -6.58
C ALA A 105 4.62 3.81 -7.00
N TYR A 106 4.85 2.59 -6.58
CA TYR A 106 6.06 1.81 -6.86
C TYR A 106 5.66 0.47 -7.45
N ILE A 107 6.39 0.00 -8.42
CA ILE A 107 6.15 -1.33 -9.02
C ILE A 107 7.35 -2.21 -8.81
N THR A 108 7.03 -3.49 -8.61
CA THR A 108 8.02 -4.52 -8.34
C THR A 108 7.75 -5.69 -9.27
N PRO A 109 8.76 -6.23 -9.99
CA PRO A 109 8.49 -7.33 -10.89
C PRO A 109 8.22 -8.61 -10.10
N VAL A 110 7.25 -9.36 -10.60
CA VAL A 110 6.77 -10.60 -9.96
C VAL A 110 6.62 -11.66 -11.03
N GLN A 111 7.20 -12.83 -10.83
CA GLN A 111 7.08 -13.94 -11.79
C GLN A 111 5.89 -14.79 -11.42
N ILE A 112 4.99 -15.01 -12.35
CA ILE A 112 3.76 -15.83 -12.12
C ILE A 112 3.72 -16.91 -13.17
N GLY A 113 3.54 -18.14 -12.75
CA GLY A 113 3.28 -19.23 -13.68
C GLY A 113 4.52 -19.89 -14.18
N THR A 114 4.29 -20.87 -15.07
CA THR A 114 5.36 -21.71 -15.66
C THR A 114 5.08 -21.89 -17.15
N PRO A 115 5.91 -21.43 -18.08
CA PRO A 115 7.08 -20.58 -17.81
C PRO A 115 6.64 -19.25 -17.20
N ALA A 116 7.58 -18.56 -16.59
CA ALA A 116 7.31 -17.32 -15.86
C ALA A 116 6.65 -16.30 -16.78
N GLN A 117 5.63 -15.64 -16.25
CA GLN A 117 5.06 -14.41 -16.82
C GLN A 117 5.41 -13.30 -15.82
N THR A 118 6.18 -12.32 -16.22
CA THR A 118 6.60 -11.27 -15.30
C THR A 118 5.64 -10.10 -15.42
N LEU A 119 5.02 -9.75 -14.30
CA LEU A 119 4.11 -8.62 -14.22
C LEU A 119 4.69 -7.65 -13.19
N ASN A 120 4.46 -6.38 -13.37
CA ASN A 120 4.90 -5.37 -12.42
C ASN A 120 3.80 -4.97 -11.51
N LEU A 121 3.90 -5.39 -10.24
CA LEU A 121 2.82 -5.24 -9.29
C LEU A 121 3.11 -4.17 -8.28
N ASP A 122 2.04 -3.58 -7.77
N ASP A 122 2.04 -3.58 -7.77
N ASP A 122 2.05 -3.51 -7.82
N ASP A 122 2.05 -3.51 -7.82
CA ASP A 122 2.11 -2.57 -6.70
CA ASP A 122 2.11 -2.57 -6.70
CA ASP A 122 2.09 -2.55 -6.70
CA ASP A 122 2.09 -2.55 -6.70
C ASP A 122 1.97 -3.29 -5.36
C ASP A 122 1.97 -3.29 -5.36
C ASP A 122 1.98 -3.32 -5.39
C ASP A 122 1.98 -3.32 -5.39
N PHE A 123 3.07 -3.37 -4.62
CA PHE A 123 3.07 -4.07 -3.33
C PHE A 123 2.36 -3.16 -2.33
N ASP A 124 1.28 -3.65 -1.73
N ASP A 124 1.28 -3.65 -1.73
N ASP A 124 1.37 -3.70 -1.65
N ASP A 124 1.37 -3.70 -1.65
CA ASP A 124 0.38 -2.81 -0.95
CA ASP A 124 0.38 -2.81 -0.95
CA ASP A 124 0.34 -2.91 -0.93
CA ASP A 124 0.34 -2.91 -0.93
C ASP A 124 0.21 -3.39 0.45
C ASP A 124 0.21 -3.39 0.45
C ASP A 124 0.22 -3.46 0.49
C ASP A 124 0.22 -3.46 0.49
N THR A 125 0.88 -2.83 1.43
CA THR A 125 0.74 -3.26 2.83
C THR A 125 -0.58 -2.86 3.44
N GLY A 126 -1.46 -2.17 2.74
N GLY A 126 -1.46 -2.17 2.74
N GLY A 126 -1.42 -2.18 2.66
N GLY A 126 -1.42 -2.18 2.66
CA GLY A 126 -2.83 -1.88 3.21
CA GLY A 126 -2.83 -1.88 3.21
CA GLY A 126 -2.77 -1.74 3.03
CA GLY A 126 -2.77 -1.74 3.03
C GLY A 126 -3.93 -2.67 2.48
C GLY A 126 -3.93 -2.67 2.48
C GLY A 126 -3.87 -2.73 2.68
C GLY A 126 -3.87 -2.73 2.68
N SER A 127 -3.59 -3.79 1.85
N SER A 127 -3.59 -3.79 1.85
N SER A 127 -3.56 -3.77 1.88
N SER A 127 -3.56 -3.77 1.88
CA SER A 127 -4.63 -4.67 1.30
CA SER A 127 -4.63 -4.67 1.30
CA SER A 127 -4.56 -4.79 1.47
CA SER A 127 -4.56 -4.79 1.47
C SER A 127 -4.05 -6.06 1.23
C SER A 127 -4.05 -6.06 1.23
C SER A 127 -3.94 -6.18 1.42
C SER A 127 -3.94 -6.18 1.42
N SER A 128 -4.90 -7.01 0.89
N SER A 128 -4.90 -7.01 0.89
N SER A 128 -4.76 -7.18 1.15
N SER A 128 -4.76 -7.18 1.15
CA SER A 128 -4.52 -8.43 1.11
CA SER A 128 -4.52 -8.43 1.11
CA SER A 128 -4.33 -8.59 1.31
CA SER A 128 -4.33 -8.59 1.31
C SER A 128 -4.92 -9.30 -0.06
C SER A 128 -4.92 -9.30 -0.06
C SER A 128 -4.70 -9.46 0.10
C SER A 128 -4.70 -9.46 0.10
N ASP A 129 -5.04 -8.73 -1.25
N ASP A 129 -5.04 -8.73 -1.25
N ASP A 129 -4.91 -8.85 -1.06
N ASP A 129 -4.91 -8.85 -1.06
CA ASP A 129 -5.35 -9.50 -2.48
CA ASP A 129 -5.35 -9.50 -2.48
CA ASP A 129 -5.27 -9.57 -2.32
CA ASP A 129 -5.27 -9.57 -2.32
C ASP A 129 -4.16 -9.38 -3.41
C ASP A 129 -4.16 -9.38 -3.41
C ASP A 129 -4.13 -9.39 -3.34
C ASP A 129 -4.13 -9.39 -3.34
N LEU A 130 -3.76 -10.48 -4.01
CA LEU A 130 -2.78 -10.46 -5.12
C LEU A 130 -3.64 -10.60 -6.34
N TRP A 131 -3.83 -9.51 -7.07
N TRP A 131 -3.83 -9.51 -7.07
N TRP A 131 -3.90 -9.49 -7.03
N TRP A 131 -3.90 -9.49 -7.03
CA TRP A 131 -4.70 -9.54 -8.26
CA TRP A 131 -4.70 -9.54 -8.26
CA TRP A 131 -4.72 -9.53 -8.27
CA TRP A 131 -4.72 -9.53 -8.27
C TRP A 131 -3.97 -8.93 -9.44
C TRP A 131 -3.97 -8.93 -9.44
C TRP A 131 -3.92 -8.99 -9.44
C TRP A 131 -3.92 -8.99 -9.44
N VAL A 132 -4.30 -9.43 -10.61
CA VAL A 132 -3.59 -9.09 -11.84
C VAL A 132 -4.54 -8.80 -12.98
N PHE A 133 -4.14 -7.91 -13.83
CA PHE A 133 -4.69 -7.83 -15.20
C PHE A 133 -4.43 -9.17 -15.85
N SER A 134 -5.38 -9.62 -16.67
CA SER A 134 -5.30 -10.98 -17.18
C SER A 134 -5.93 -11.07 -18.56
N SER A 135 -5.83 -12.26 -19.13
CA SER A 135 -6.53 -12.63 -20.37
C SER A 135 -8.03 -12.59 -20.18
N GLU A 136 -8.53 -12.53 -18.96
CA GLU A 136 -9.97 -12.47 -18.67
C GLU A 136 -10.44 -11.04 -18.51
N THR A 137 -9.53 -10.08 -18.44
CA THR A 137 -9.96 -8.70 -18.13
C THR A 137 -10.69 -8.14 -19.37
N THR A 138 -11.86 -7.56 -19.15
CA THR A 138 -12.67 -6.85 -20.18
C THR A 138 -11.72 -6.06 -21.08
N ALA A 139 -11.72 -6.29 -22.39
CA ALA A 139 -10.68 -5.78 -23.29
C ALA A 139 -10.64 -4.25 -23.27
N SER A 140 -11.78 -3.59 -23.20
CA SER A 140 -11.85 -2.12 -23.19
C SER A 140 -11.24 -1.55 -21.90
N GLU A 141 -11.00 -2.39 -20.88
CA GLU A 141 -10.45 -1.93 -19.58
C GLU A 141 -8.95 -2.21 -19.50
N VAL A 142 -8.36 -2.71 -20.54
CA VAL A 142 -6.90 -2.92 -20.60
C VAL A 142 -6.33 -1.86 -21.54
N ASP A 143 -5.34 -1.12 -21.10
CA ASP A 143 -4.65 -0.11 -21.95
C ASP A 143 -3.15 -0.08 -21.62
N GLY A 144 -2.42 -1.03 -22.10
CA GLY A 144 -0.96 -1.02 -21.99
C GLY A 144 -0.42 -1.96 -20.93
N GLN A 145 -1.27 -2.46 -20.02
CA GLN A 145 -0.78 -3.36 -18.95
C GLN A 145 -0.32 -4.66 -19.55
N THR A 146 0.63 -5.31 -18.91
CA THR A 146 0.97 -6.70 -19.16
C THR A 146 -0.03 -7.58 -18.45
N ILE A 147 -0.50 -8.59 -19.13
CA ILE A 147 -1.55 -9.48 -18.59
C ILE A 147 -0.99 -10.84 -18.25
N TYR A 148 -1.57 -11.44 -17.22
CA TYR A 148 -1.38 -12.87 -16.90
C TYR A 148 -2.37 -13.71 -17.72
N THR A 149 -1.86 -14.72 -18.38
CA THR A 149 -2.71 -15.67 -19.16
C THR A 149 -2.58 -17.04 -18.51
N PRO A 150 -3.56 -17.43 -17.65
CA PRO A 150 -3.43 -18.70 -16.95
C PRO A 150 -3.34 -19.90 -17.91
N SER A 151 -3.98 -19.81 -19.08
CA SER A 151 -3.99 -20.94 -20.03
C SER A 151 -2.59 -21.21 -20.56
N LYS A 152 -1.66 -20.27 -20.44
CA LYS A 152 -0.28 -20.48 -20.91
C LYS A 152 0.62 -20.94 -19.77
N SER A 153 0.08 -21.13 -18.59
CA SER A 153 0.89 -21.57 -17.43
C SER A 153 0.58 -23.03 -17.11
N THR A 154 1.59 -23.85 -17.12
CA THR A 154 1.38 -25.28 -16.90
C THR A 154 1.08 -25.58 -15.45
N THR A 155 1.31 -24.62 -14.56
CA THR A 155 1.08 -24.78 -13.12
C THR A 155 -0.18 -24.06 -12.67
N ALA A 156 -0.89 -23.36 -13.54
CA ALA A 156 -2.11 -22.66 -13.12
C ALA A 156 -3.26 -23.67 -12.94
N LYS A 157 -4.01 -23.51 -11.87
N LYS A 157 -4.09 -23.43 -11.97
N LYS A 157 -4.03 -23.51 -11.87
N LYS A 157 -4.09 -23.43 -11.96
CA LYS A 157 -5.26 -24.29 -11.58
CA LYS A 157 -5.29 -24.25 -11.76
CA LYS A 157 -5.26 -24.29 -11.58
CA LYS A 157 -5.29 -24.25 -11.76
C LYS A 157 -6.37 -23.28 -11.33
C LYS A 157 -6.41 -23.34 -11.25
C LYS A 157 -6.38 -23.28 -11.32
C LYS A 157 -6.40 -23.35 -11.25
N LEU A 158 -7.56 -23.45 -11.90
CA LEU A 158 -8.72 -22.65 -11.46
C LEU A 158 -9.00 -23.02 -10.02
N LEU A 159 -9.24 -22.07 -9.18
CA LEU A 159 -9.74 -22.28 -7.82
C LEU A 159 -11.26 -22.23 -7.96
N SER A 160 -11.85 -23.41 -8.13
N SER A 160 -11.86 -23.41 -8.05
N SER A 160 -11.85 -23.41 -8.13
N SER A 160 -11.86 -23.41 -8.05
CA SER A 160 -13.23 -23.54 -8.61
CA SER A 160 -13.24 -23.65 -8.54
CA SER A 160 -13.23 -23.54 -8.60
CA SER A 160 -13.24 -23.64 -8.55
C SER A 160 -14.21 -22.89 -7.65
C SER A 160 -14.29 -22.97 -7.66
C SER A 160 -14.21 -22.89 -7.65
C SER A 160 -14.28 -22.97 -7.67
N GLY A 161 -15.02 -21.98 -8.20
CA GLY A 161 -16.08 -21.31 -7.47
C GLY A 161 -15.64 -20.05 -6.81
N ALA A 162 -14.33 -19.79 -6.74
CA ALA A 162 -13.84 -18.63 -5.97
C ALA A 162 -13.94 -17.34 -6.81
N THR A 163 -14.42 -16.31 -6.16
CA THR A 163 -14.48 -14.95 -6.75
C THR A 163 -13.93 -13.98 -5.76
N TRP A 164 -13.64 -12.80 -6.31
N TRP A 164 -13.64 -12.80 -6.31
N TRP A 164 -13.64 -12.77 -6.20
N TRP A 164 -13.64 -12.77 -6.20
CA TRP A 164 -13.06 -11.70 -5.53
CA TRP A 164 -13.06 -11.70 -5.53
CA TRP A 164 -13.16 -11.72 -5.27
CA TRP A 164 -13.16 -11.72 -5.27
C TRP A 164 -13.62 -10.36 -6.01
C TRP A 164 -13.62 -10.36 -6.01
C TRP A 164 -13.67 -10.41 -5.85
C TRP A 164 -13.67 -10.41 -5.85
N SER A 165 -13.62 -9.43 -5.07
N SER A 165 -13.62 -9.43 -5.07
N SER A 165 -13.75 -9.39 -5.04
N SER A 165 -13.75 -9.39 -5.04
CA SER A 165 -14.10 -8.05 -5.27
CA SER A 165 -14.10 -8.05 -5.27
CA SER A 165 -14.15 -8.08 -5.55
CA SER A 165 -14.15 -8.08 -5.55
C SER A 165 -13.54 -7.16 -4.16
C SER A 165 -13.54 -7.16 -4.16
C SER A 165 -13.64 -7.10 -4.52
C SER A 165 -13.64 -7.10 -4.52
N ILE A 166 -12.86 -6.10 -4.57
N ILE A 166 -12.86 -6.10 -4.57
N ILE A 166 -12.95 -6.07 -4.96
N ILE A 166 -12.95 -6.07 -4.96
CA ILE A 166 -12.22 -5.21 -3.59
CA ILE A 166 -12.22 -5.21 -3.59
CA ILE A 166 -12.23 -5.20 -4.01
CA ILE A 166 -12.23 -5.20 -4.01
C ILE A 166 -12.51 -3.77 -3.98
C ILE A 166 -12.51 -3.77 -3.98
C ILE A 166 -12.35 -3.73 -4.40
C ILE A 166 -12.35 -3.73 -4.40
N SER A 167 -12.67 -2.94 -2.97
N SER A 167 -12.67 -2.94 -2.97
N SER A 167 -12.32 -2.86 -3.41
N SER A 167 -12.32 -2.86 -3.41
CA SER A 167 -12.84 -1.48 -3.14
CA SER A 167 -12.84 -1.48 -3.14
CA SER A 167 -12.31 -1.38 -3.59
CA SER A 167 -12.31 -1.38 -3.59
C SER A 167 -11.82 -0.81 -2.24
C SER A 167 -11.82 -0.81 -2.24
C SER A 167 -11.29 -0.75 -2.64
C SER A 167 -11.29 -0.75 -2.64
N TYR A 168 -11.03 0.07 -2.82
N TYR A 168 -11.03 0.07 -2.82
N TYR A 168 -10.67 0.33 -3.09
N TYR A 168 -10.67 0.33 -3.09
CA TYR A 168 -9.88 0.71 -2.15
CA TYR A 168 -9.88 0.71 -2.15
CA TYR A 168 -9.60 1.04 -2.35
CA TYR A 168 -9.60 1.04 -2.35
C TYR A 168 -10.32 2.05 -1.55
C TYR A 168 -10.32 2.05 -1.55
C TYR A 168 -10.04 2.46 -2.03
C TYR A 168 -10.04 2.46 -2.03
N GLY A 169 -9.50 2.59 -0.66
N GLY A 169 -9.50 2.59 -0.66
N GLY A 169 -9.20 3.12 -1.23
N GLY A 169 -9.20 3.12 -1.23
CA GLY A 169 -9.79 3.86 0.05
CA GLY A 169 -9.79 3.86 0.05
CA GLY A 169 -9.47 4.39 -0.55
CA GLY A 169 -9.47 4.39 -0.55
C GLY A 169 -10.02 5.00 -0.92
C GLY A 169 -10.02 5.00 -0.92
C GLY A 169 -9.71 5.52 -1.53
C GLY A 169 -9.71 5.52 -1.53
N ASP A 170 -9.40 4.97 -2.10
N ASP A 170 -9.40 4.97 -2.10
N ASP A 170 -9.27 5.35 -2.78
N ASP A 170 -9.27 5.35 -2.78
CA ASP A 170 -9.50 6.07 -3.09
CA ASP A 170 -9.50 6.07 -3.09
CA ASP A 170 -9.39 6.34 -3.87
CA ASP A 170 -9.39 6.34 -3.87
C ASP A 170 -10.71 5.87 -4.01
C ASP A 170 -10.71 5.87 -4.01
C ASP A 170 -10.64 6.06 -4.72
C ASP A 170 -10.64 6.06 -4.72
N GLY A 171 -11.57 4.86 -3.78
N GLY A 171 -11.57 4.86 -3.78
N GLY A 171 -11.45 5.06 -4.35
N GLY A 171 -11.45 5.06 -4.35
CA GLY A 171 -12.77 4.65 -4.61
CA GLY A 171 -12.77 4.65 -4.61
CA GLY A 171 -12.71 4.75 -5.06
CA GLY A 171 -12.71 4.75 -5.06
C GLY A 171 -12.50 3.79 -5.84
C GLY A 171 -12.50 3.79 -5.84
C GLY A 171 -12.54 3.66 -6.11
C GLY A 171 -12.54 3.66 -6.11
N SER A 172 -11.28 3.27 -5.97
N SER A 172 -11.28 3.27 -5.97
N SER A 172 -11.31 3.31 -6.50
N SER A 172 -11.31 3.31 -6.50
CA SER A 172 -10.97 2.35 -7.08
CA SER A 172 -10.97 2.35 -7.08
CA SER A 172 -10.99 2.37 -7.61
CA SER A 172 -10.99 2.37 -7.61
C SER A 172 -11.41 0.96 -6.65
C SER A 172 -11.41 0.96 -6.65
C SER A 172 -11.39 0.93 -7.22
C SER A 172 -11.39 0.93 -7.22
N SER A 173 -11.53 0.09 -7.62
N SER A 173 -11.53 0.09 -7.62
N SER A 173 -11.52 0.05 -8.19
N SER A 173 -11.52 0.05 -8.19
CA SER A 173 -12.07 -1.27 -7.36
CA SER A 173 -12.07 -1.27 -7.36
CA SER A 173 -12.04 -1.31 -7.92
CA SER A 173 -12.04 -1.31 -7.92
C SER A 173 -11.67 -2.21 -8.48
C SER A 173 -11.67 -2.21 -8.48
C SER A 173 -11.63 -2.27 -9.02
C SER A 173 -11.63 -2.27 -9.02
N SER A 174 -11.74 -3.51 -8.21
N SER A 174 -11.74 -3.51 -8.21
N SER A 174 -11.78 -3.53 -8.66
N SER A 174 -11.78 -3.53 -8.66
CA SER A 174 -11.59 -4.55 -9.26
CA SER A 174 -11.59 -4.55 -9.26
CA SER A 174 -11.35 -4.69 -9.42
CA SER A 174 -11.35 -4.69 -9.42
C SER A 174 -12.23 -5.87 -8.79
C SER A 174 -12.23 -5.87 -8.79
C SER A 174 -12.11 -5.88 -8.84
C SER A 174 -12.11 -5.88 -8.84
N SER A 175 -12.44 -6.81 -9.71
CA SER A 175 -13.08 -8.06 -9.31
C SER A 175 -12.80 -9.11 -10.34
N GLY A 176 -13.00 -10.39 -9.97
CA GLY A 176 -12.83 -11.46 -10.92
C GLY A 176 -12.90 -12.83 -10.27
N ASP A 177 -12.18 -13.74 -10.90
CA ASP A 177 -12.08 -15.14 -10.46
C ASP A 177 -10.67 -15.46 -10.03
N VAL A 178 -10.35 -16.70 -9.70
CA VAL A 178 -9.11 -17.00 -8.97
C VAL A 178 -8.46 -18.24 -9.54
N TYR A 179 -7.16 -18.20 -9.70
CA TYR A 179 -6.32 -19.36 -10.03
C TYR A 179 -5.35 -19.56 -8.90
N THR A 180 -4.84 -20.75 -8.74
CA THR A 180 -3.63 -20.91 -7.98
C THR A 180 -2.48 -21.10 -8.95
N ASP A 181 -1.32 -20.61 -8.58
CA ASP A 181 -0.14 -20.76 -9.47
C ASP A 181 1.10 -20.49 -8.64
N THR A 182 2.24 -20.73 -9.24
CA THR A 182 3.55 -20.44 -8.63
C THR A 182 3.89 -18.99 -8.79
N VAL A 183 4.24 -18.33 -7.71
CA VAL A 183 4.57 -16.89 -7.72
C VAL A 183 5.92 -16.74 -7.09
N SER A 184 6.82 -16.00 -7.75
CA SER A 184 8.16 -15.71 -7.23
C SER A 184 8.38 -14.23 -7.16
N VAL A 185 8.98 -13.80 -6.09
CA VAL A 185 9.37 -12.38 -5.87
C VAL A 185 10.83 -12.39 -5.51
N GLY A 186 11.65 -11.82 -6.35
CA GLY A 186 13.05 -11.64 -5.97
C GLY A 186 13.75 -12.93 -5.61
N GLY A 187 13.39 -14.02 -6.27
CA GLY A 187 13.98 -15.33 -6.01
C GLY A 187 13.30 -16.14 -4.96
N LEU A 188 12.30 -15.66 -4.27
CA LEU A 188 11.51 -16.38 -3.25
C LEU A 188 10.28 -16.92 -3.94
N THR A 189 10.05 -18.21 -3.90
CA THR A 189 8.96 -18.86 -4.63
C THR A 189 7.93 -19.39 -3.68
N VAL A 190 6.67 -19.14 -3.96
CA VAL A 190 5.49 -19.76 -3.32
C VAL A 190 4.75 -20.57 -4.35
N THR A 191 4.50 -21.83 -4.05
CA THR A 191 3.59 -22.63 -4.86
C THR A 191 2.18 -22.54 -4.30
N GLY A 192 1.20 -22.67 -5.18
CA GLY A 192 -0.18 -22.67 -4.76
C GLY A 192 -0.65 -21.30 -4.29
N GLN A 193 -0.04 -20.21 -4.73
CA GLN A 193 -0.52 -18.88 -4.36
C GLN A 193 -1.82 -18.56 -5.09
N ALA A 194 -2.78 -17.98 -4.40
CA ALA A 194 -3.99 -17.47 -5.05
C ALA A 194 -3.62 -16.23 -5.89
N VAL A 195 -3.84 -16.34 -7.15
CA VAL A 195 -3.64 -15.25 -8.13
C VAL A 195 -5.01 -14.87 -8.60
N GLU A 196 -5.48 -13.70 -8.20
CA GLU A 196 -6.85 -13.24 -8.46
C GLU A 196 -6.84 -12.58 -9.82
N SER A 197 -7.52 -13.15 -10.77
CA SER A 197 -7.56 -12.70 -12.18
C SER A 197 -8.66 -11.69 -12.33
N ALA A 198 -8.37 -10.47 -12.78
CA ALA A 198 -9.40 -9.45 -12.91
C ALA A 198 -10.23 -9.74 -14.17
N LYS A 199 -11.56 -9.72 -13.94
CA LYS A 199 -12.49 -9.62 -15.08
C LYS A 199 -12.86 -8.17 -15.31
N LYS A 200 -12.86 -7.36 -14.28
CA LYS A 200 -13.25 -5.94 -14.35
C LYS A 200 -12.28 -5.16 -13.50
N VAL A 201 -11.88 -3.99 -14.00
CA VAL A 201 -11.13 -3.00 -13.20
C VAL A 201 -11.79 -1.63 -13.40
N SER A 202 -11.63 -0.77 -12.41
CA SER A 202 -12.15 0.63 -12.53
C SER A 202 -11.19 1.45 -13.34
N SER A 203 -11.71 2.61 -13.74
CA SER A 203 -11.01 3.51 -14.66
C SER A 203 -9.59 3.86 -14.20
N SER A 204 -9.37 4.11 -12.92
N SER A 204 -9.37 4.11 -12.92
N SER A 204 -9.37 4.08 -12.91
N SER A 204 -9.37 4.08 -12.91
CA SER A 204 -8.02 4.51 -12.46
CA SER A 204 -8.02 4.51 -12.46
CA SER A 204 -8.06 4.53 -12.38
CA SER A 204 -8.06 4.53 -12.38
C SER A 204 -7.02 3.40 -12.83
C SER A 204 -7.02 3.40 -12.83
C SER A 204 -6.99 3.45 -12.55
C SER A 204 -6.99 3.45 -12.55
N PHE A 205 -7.39 2.13 -12.70
N PHE A 205 -7.39 2.13 -12.70
N PHE A 205 -7.39 2.18 -12.64
N PHE A 205 -7.39 2.18 -12.64
CA PHE A 205 -6.46 1.04 -13.04
CA PHE A 205 -6.46 1.04 -13.04
CA PHE A 205 -6.48 1.05 -12.94
CA PHE A 205 -6.48 1.05 -12.94
C PHE A 205 -6.21 1.06 -14.53
C PHE A 205 -6.21 1.06 -14.53
C PHE A 205 -6.24 1.00 -14.46
C PHE A 205 -6.24 1.00 -14.46
N THR A 206 -7.28 1.11 -15.30
CA THR A 206 -7.10 1.10 -16.76
C THR A 206 -6.14 2.22 -17.20
N GLU A 207 -6.31 3.37 -16.59
CA GLU A 207 -5.58 4.60 -16.98
C GLU A 207 -4.13 4.55 -16.56
N ASP A 208 -3.75 3.61 -15.69
N ASP A 208 -3.75 3.61 -15.69
N ASP A 208 -3.78 3.66 -15.64
N ASP A 208 -3.78 3.66 -15.64
CA ASP A 208 -2.36 3.49 -15.20
CA ASP A 208 -2.36 3.49 -15.20
CA ASP A 208 -2.38 3.51 -15.22
CA ASP A 208 -2.38 3.51 -15.22
C ASP A 208 -1.67 2.31 -15.87
C ASP A 208 -1.67 2.31 -15.87
C ASP A 208 -1.77 2.29 -15.94
C ASP A 208 -1.77 2.29 -15.94
N SER A 209 -1.08 2.54 -17.03
CA SER A 209 -0.50 1.46 -17.85
C SER A 209 0.69 0.78 -17.18
N THR A 210 1.24 1.40 -16.16
CA THR A 210 2.48 0.93 -15.50
C THR A 210 2.20 -0.09 -14.41
N ILE A 211 0.95 -0.25 -13.98
N ILE A 211 0.95 -0.25 -13.98
N ILE A 211 0.96 -0.18 -13.93
N ILE A 211 0.96 -0.18 -13.93
CA ILE A 211 0.66 -1.16 -12.85
CA ILE A 211 0.66 -1.16 -12.85
CA ILE A 211 0.56 -1.11 -12.83
CA ILE A 211 0.56 -1.11 -12.83
C ILE A 211 -0.17 -2.32 -13.36
C ILE A 211 -0.17 -2.32 -13.36
C ILE A 211 -0.14 -2.31 -13.46
C ILE A 211 -0.14 -2.31 -13.46
N ASP A 212 0.41 -3.51 -13.29
CA ASP A 212 -0.22 -4.71 -13.85
C ASP A 212 -1.07 -5.43 -12.82
N GLY A 213 -1.14 -4.93 -11.60
CA GLY A 213 -1.90 -5.52 -10.53
C GLY A 213 -1.30 -5.15 -9.22
N LEU A 214 -1.84 -5.75 -8.16
N LEU A 214 -1.84 -5.75 -8.16
N LEU A 214 -1.88 -5.66 -8.13
N LEU A 214 -1.88 -5.66 -8.13
CA LEU A 214 -1.49 -5.46 -6.75
CA LEU A 214 -1.49 -5.46 -6.75
CA LEU A 214 -1.43 -5.38 -6.75
CA LEU A 214 -1.43 -5.38 -6.75
C LEU A 214 -1.00 -6.75 -6.10
C LEU A 214 -1.00 -6.75 -6.10
C LEU A 214 -1.07 -6.68 -6.06
C LEU A 214 -1.07 -6.68 -6.06
N LEU A 215 -0.09 -6.59 -5.17
CA LEU A 215 0.28 -7.70 -4.30
C LEU A 215 0.10 -7.25 -2.89
N GLY A 216 -0.96 -7.75 -2.25
CA GLY A 216 -1.30 -7.32 -0.90
C GLY A 216 -0.44 -7.95 0.17
N LEU A 217 -0.07 -7.13 1.14
CA LEU A 217 0.84 -7.51 2.24
C LEU A 217 0.30 -7.14 3.59
N ALA A 218 -0.99 -6.77 3.65
N ALA A 218 -0.99 -6.77 3.65
N ALA A 218 -0.98 -6.83 3.72
N ALA A 218 -0.98 -6.83 3.72
CA ALA A 218 -1.73 -6.64 4.92
CA ALA A 218 -1.73 -6.64 4.92
CA ALA A 218 -1.53 -6.73 5.08
CA ALA A 218 -1.53 -6.73 5.08
C ALA A 218 -2.13 -8.05 5.39
C ALA A 218 -2.13 -8.05 5.39
C ALA A 218 -1.81 -8.14 5.58
C ALA A 218 -1.81 -8.14 5.58
N PHE A 219 -2.91 -8.12 6.46
N PHE A 219 -2.91 -8.12 6.46
N PHE A 219 -2.60 -8.27 6.64
N PHE A 219 -2.60 -8.27 6.64
CA PHE A 219 -3.20 -9.44 7.07
CA PHE A 219 -3.20 -9.44 7.07
CA PHE A 219 -2.89 -9.59 7.25
CA PHE A 219 -2.89 -9.59 7.25
C PHE A 219 -4.26 -10.14 6.22
C PHE A 219 -4.26 -10.14 6.22
C PHE A 219 -3.89 -10.36 6.37
C PHE A 219 -3.89 -10.36 6.37
N SER A 220 -4.16 -11.46 6.20
N SER A 220 -4.16 -11.46 6.20
N SER A 220 -3.76 -11.68 6.34
N SER A 220 -3.76 -11.68 6.34
CA SER A 220 -4.99 -12.27 5.28
CA SER A 220 -4.99 -12.27 5.28
CA SER A 220 -4.61 -12.52 5.45
CA SER A 220 -4.61 -12.52 5.45
C SER A 220 -6.49 -12.20 5.65
C SER A 220 -6.49 -12.20 5.65
C SER A 220 -6.10 -12.42 5.80
C SER A 220 -6.10 -12.42 5.80
N THR A 221 -6.82 -11.74 6.85
N THR A 221 -6.82 -11.74 6.85
N THR A 221 -6.44 -12.07 7.03
N THR A 221 -6.44 -12.07 7.03
CA THR A 221 -8.21 -11.51 7.25
CA THR A 221 -8.21 -11.51 7.25
CA THR A 221 -7.85 -11.86 7.48
CA THR A 221 -7.85 -11.86 7.48
C THR A 221 -8.89 -10.49 6.33
C THR A 221 -8.89 -10.49 6.33
C THR A 221 -8.57 -10.77 6.67
C THR A 221 -8.57 -10.77 6.67
N LEU A 222 -8.15 -9.65 5.59
N LEU A 222 -8.15 -9.65 5.59
N LEU A 222 -7.84 -9.90 5.97
N LEU A 222 -7.84 -9.90 5.97
CA LEU A 222 -8.80 -8.70 4.66
CA LEU A 222 -8.80 -8.70 4.66
CA LEU A 222 -8.43 -8.87 5.05
CA LEU A 222 -8.43 -8.87 5.05
C LEU A 222 -8.94 -9.26 3.25
C LEU A 222 -8.94 -9.26 3.25
C LEU A 222 -8.68 -9.42 3.64
C LEU A 222 -8.68 -9.42 3.64
N ASN A 223 -8.46 -10.45 2.97
N ASN A 223 -8.46 -10.45 2.97
N ASN A 223 -8.21 -10.62 3.28
N ASN A 223 -8.21 -10.62 3.28
CA ASN A 223 -8.49 -10.98 1.61
CA ASN A 223 -8.49 -10.98 1.61
CA ASN A 223 -8.36 -11.06 1.87
CA ASN A 223 -8.36 -11.06 1.87
C ASN A 223 -9.93 -11.13 1.18
C ASN A 223 -9.93 -11.13 1.18
C ASN A 223 -9.84 -11.22 1.53
C ASN A 223 -9.84 -11.22 1.53
N THR A 224 -10.26 -10.76 -0.06
N THR A 224 -10.26 -10.76 -0.06
N THR A 224 -10.23 -10.87 0.30
N THR A 224 -10.23 -10.87 0.30
CA THR A 224 -11.67 -10.68 -0.46
CA THR A 224 -11.67 -10.68 -0.46
CA THR A 224 -11.65 -10.81 -0.17
CA THR A 224 -11.65 -10.81 -0.17
C THR A 224 -12.16 -12.00 -1.03
C THR A 224 -12.16 -12.00 -1.03
C THR A 224 -12.08 -11.94 -1.13
C THR A 224 -12.08 -11.94 -1.13
N VAL A 225 -11.31 -13.00 -1.23
CA VAL A 225 -11.78 -14.19 -1.94
C VAL A 225 -12.90 -14.88 -1.16
N SER A 226 -13.94 -15.22 -1.90
CA SER A 226 -15.14 -15.91 -1.42
C SER A 226 -15.38 -17.12 -2.31
N PRO A 227 -15.84 -18.25 -1.71
CA PRO A 227 -16.25 -18.41 -0.31
C PRO A 227 -15.15 -18.84 0.65
N THR A 228 -13.93 -19.03 0.13
CA THR A 228 -12.78 -19.53 0.91
C THR A 228 -11.72 -18.44 0.83
N GLN A 229 -11.52 -17.76 1.94
N GLN A 229 -11.52 -17.76 1.94
N GLN A 229 -11.55 -17.69 1.92
N GLN A 229 -11.55 -17.69 1.92
CA GLN A 229 -10.54 -16.67 2.02
CA GLN A 229 -10.54 -16.67 2.02
CA GLN A 229 -10.57 -16.60 2.04
CA GLN A 229 -10.57 -16.60 2.04
C GLN A 229 -9.17 -17.25 1.72
C GLN A 229 -9.17 -17.25 1.72
C GLN A 229 -9.16 -17.16 1.84
C GLN A 229 -9.16 -17.16 1.84
N GLN A 230 -8.34 -16.46 1.05
CA GLN A 230 -6.97 -16.89 0.67
C GLN A 230 -5.89 -16.13 1.42
N LYS A 231 -4.73 -16.73 1.48
CA LYS A 231 -3.56 -16.13 2.14
C LYS A 231 -2.76 -15.24 1.21
N THR A 232 -2.16 -14.22 1.83
CA THR A 232 -1.20 -13.38 1.08
C THR A 232 0.06 -14.15 0.73
N PHE A 233 0.81 -13.60 -0.20
CA PHE A 233 2.13 -14.14 -0.58
C PHE A 233 3.00 -14.24 0.65
N PHE A 234 3.03 -13.22 1.49
CA PHE A 234 3.86 -13.26 2.71
C PHE A 234 3.38 -14.34 3.65
N ASP A 235 2.10 -14.45 3.88
CA ASP A 235 1.63 -15.49 4.80
C ASP A 235 1.99 -16.85 4.24
N ASN A 236 1.87 -17.09 2.96
CA ASN A 236 2.23 -18.39 2.38
C ASN A 236 3.73 -18.60 2.45
N ALA A 237 4.56 -17.59 2.29
CA ALA A 237 6.02 -17.76 2.33
C ALA A 237 6.59 -17.90 3.73
N LYS A 238 5.91 -17.42 4.77
N LYS A 238 5.87 -17.45 4.73
N LYS A 238 5.91 -17.42 4.77
N LYS A 238 5.87 -17.45 4.73
CA LYS A 238 6.63 -17.04 6.03
CA LYS A 238 6.41 -17.13 6.08
CA LYS A 238 6.63 -17.04 6.03
CA LYS A 238 6.41 -17.13 6.08
C LYS A 238 7.10 -18.26 6.84
C LYS A 238 7.19 -18.31 6.64
C LYS A 238 7.10 -18.26 6.84
C LYS A 238 7.19 -18.32 6.63
N ALA A 239 6.57 -19.48 6.63
CA ALA A 239 7.15 -20.67 7.30
C ALA A 239 8.51 -20.98 6.66
N SER A 240 8.71 -20.73 5.36
CA SER A 240 9.94 -21.04 4.62
C SER A 240 11.00 -19.97 4.83
N LEU A 241 10.62 -18.79 5.27
CA LEU A 241 11.61 -17.70 5.36
C LEU A 241 12.61 -17.90 6.47
N ASP A 242 13.78 -17.37 6.31
CA ASP A 242 14.80 -17.43 7.38
C ASP A 242 14.31 -16.75 8.64
N SER A 243 13.56 -15.65 8.50
N SER A 243 13.57 -15.65 8.47
N SER A 243 13.56 -15.66 8.49
N SER A 243 13.57 -15.65 8.47
CA SER A 243 12.94 -14.86 9.58
CA SER A 243 12.95 -14.83 9.55
CA SER A 243 12.94 -14.86 9.58
CA SER A 243 12.95 -14.83 9.55
C SER A 243 11.60 -14.39 9.06
C SER A 243 11.58 -14.38 9.04
C SER A 243 11.60 -14.39 9.06
C SER A 243 11.58 -14.38 9.04
N PRO A 244 10.54 -14.36 9.88
CA PRO A 244 9.19 -14.10 9.39
C PRO A 244 8.91 -12.59 9.24
N VAL A 245 9.61 -11.99 8.28
CA VAL A 245 9.65 -10.53 8.14
C VAL A 245 9.69 -10.20 6.67
N PHE A 246 9.25 -8.98 6.38
CA PHE A 246 9.63 -8.35 5.10
C PHE A 246 9.96 -6.91 5.41
N THR A 247 10.71 -6.27 4.53
CA THR A 247 11.09 -4.88 4.75
C THR A 247 10.80 -4.10 3.50
N ALA A 248 10.37 -2.85 3.73
CA ALA A 248 10.13 -1.86 2.66
C ALA A 248 11.17 -0.79 2.79
N ASP A 249 11.88 -0.54 1.71
CA ASP A 249 12.90 0.49 1.62
C ASP A 249 12.62 1.27 0.36
N LEU A 250 11.66 2.17 0.42
CA LEU A 250 11.21 2.91 -0.77
C LEU A 250 12.12 4.08 -1.00
N GLY A 251 12.40 4.36 -2.25
CA GLY A 251 13.24 5.49 -2.65
C GLY A 251 12.48 6.77 -2.85
N TYR A 252 13.12 7.88 -2.64
CA TYR A 252 12.64 9.21 -3.04
C TYR A 252 13.17 9.50 -4.44
N HIS A 253 12.26 9.46 -5.40
CA HIS A 253 12.63 9.69 -6.80
C HIS A 253 13.75 8.75 -7.20
N ALA A 254 13.69 7.48 -6.78
CA ALA A 254 14.75 6.52 -7.03
C ALA A 254 14.19 5.16 -6.71
N PRO A 255 14.81 4.12 -7.25
CA PRO A 255 14.44 2.74 -6.90
C PRO A 255 14.78 2.44 -5.44
N GLY A 256 14.12 1.43 -4.92
CA GLY A 256 14.29 0.92 -3.57
C GLY A 256 14.18 -0.58 -3.60
N THR A 257 13.88 -1.15 -2.45
CA THR A 257 13.94 -2.60 -2.30
C THR A 257 12.85 -3.11 -1.39
N TYR A 258 12.25 -4.23 -1.74
CA TYR A 258 11.48 -5.09 -0.83
C TYR A 258 12.32 -6.34 -0.60
N ASN A 259 12.57 -6.63 0.66
CA ASN A 259 13.24 -7.88 1.04
C ASN A 259 12.28 -8.74 1.83
N PHE A 260 12.39 -10.05 1.66
CA PHE A 260 11.59 -11.04 2.40
C PHE A 260 12.53 -11.99 3.12
N GLY A 261 12.36 -12.10 4.43
CA GLY A 261 13.07 -13.15 5.19
C GLY A 261 14.28 -12.69 5.84
N PHE A 262 14.73 -11.45 5.71
CA PHE A 262 15.96 -11.01 6.33
C PHE A 262 15.92 -9.50 6.46
N ILE A 263 16.72 -8.97 7.35
N ILE A 263 16.67 -9.00 7.43
N ILE A 263 16.73 -8.97 7.35
N ILE A 263 16.67 -9.00 7.44
CA ILE A 263 16.85 -7.51 7.58
CA ILE A 263 17.04 -7.57 7.59
CA ILE A 263 16.85 -7.51 7.58
CA ILE A 263 17.04 -7.57 7.59
C ILE A 263 18.26 -7.13 7.13
C ILE A 263 18.37 -7.29 6.93
C ILE A 263 18.26 -7.13 7.13
C ILE A 263 18.37 -7.29 6.93
N ASP A 264 18.39 -6.33 6.05
CA ASP A 264 19.68 -5.88 5.49
C ASP A 264 20.22 -4.78 6.38
N THR A 265 21.23 -5.09 7.22
CA THR A 265 21.73 -4.16 8.24
C THR A 265 22.56 -3.10 7.55
N THR A 266 22.83 -3.20 6.26
CA THR A 266 23.55 -2.17 5.51
C THR A 266 22.60 -1.12 4.94
N ALA A 267 21.29 -1.33 5.04
CA ALA A 267 20.29 -0.51 4.32
C ALA A 267 19.79 0.62 5.21
N TYR A 268 20.22 0.74 6.45
CA TYR A 268 19.73 1.78 7.36
C TYR A 268 20.85 2.26 8.25
N THR A 269 20.61 3.37 8.89
CA THR A 269 21.55 3.99 9.82
C THR A 269 21.02 3.87 11.21
N GLY A 270 21.89 3.86 12.21
CA GLY A 270 21.43 3.76 13.60
C GLY A 270 20.77 2.43 13.88
N SER A 271 19.79 2.45 14.75
N SER A 271 19.80 2.44 14.79
N SER A 271 19.79 2.45 14.75
N SER A 271 19.80 2.44 14.79
CA SER A 271 19.08 1.22 15.16
CA SER A 271 19.07 1.24 15.25
CA SER A 271 19.08 1.23 15.17
CA SER A 271 19.06 1.25 15.26
C SER A 271 17.63 1.24 14.70
C SER A 271 17.67 1.23 14.64
C SER A 271 17.63 1.24 14.70
C SER A 271 17.66 1.23 14.65
N ILE A 272 17.01 0.08 14.73
CA ILE A 272 15.59 -0.05 14.35
C ILE A 272 14.81 0.08 15.63
N THR A 273 13.79 0.93 15.66
CA THR A 273 12.85 1.03 16.80
C THR A 273 11.59 0.29 16.45
N TYR A 274 11.25 -0.71 17.22
CA TYR A 274 10.04 -1.49 17.00
C TYR A 274 8.91 -0.97 17.84
N THR A 275 7.72 -1.11 17.34
CA THR A 275 6.49 -0.59 17.97
C THR A 275 5.38 -1.60 17.76
N ALA A 276 4.44 -1.60 18.69
CA ALA A 276 3.36 -2.60 18.69
C ALA A 276 2.42 -2.41 17.51
N VAL A 277 1.83 -3.49 17.10
CA VAL A 277 0.87 -3.55 15.99
C VAL A 277 -0.43 -4.13 16.49
N SER A 278 -1.54 -3.54 16.13
CA SER A 278 -2.85 -4.14 16.28
C SER A 278 -3.24 -4.72 14.96
N THR A 279 -3.66 -5.99 14.94
CA THR A 279 -4.16 -6.64 13.73
C THR A 279 -5.69 -6.65 13.69
N LYS A 280 -6.33 -5.96 14.60
CA LYS A 280 -7.79 -6.03 14.77
C LYS A 280 -8.55 -5.61 13.53
N GLN A 281 -8.02 -4.67 12.74
N GLN A 281 -8.02 -4.67 12.74
N GLN A 281 -8.02 -4.68 12.74
N GLN A 281 -8.02 -4.68 12.74
CA GLN A 281 -8.70 -4.19 11.50
CA GLN A 281 -8.70 -4.19 11.50
CA GLN A 281 -8.67 -4.25 11.49
CA GLN A 281 -8.67 -4.25 11.49
C GLN A 281 -8.02 -4.76 10.25
C GLN A 281 -8.02 -4.76 10.25
C GLN A 281 -7.98 -4.96 10.31
C GLN A 281 -7.98 -4.96 10.31
N GLY A 282 -7.12 -5.73 10.42
N GLY A 282 -7.12 -5.73 10.42
N GLY A 282 -6.93 -5.74 10.60
N GLY A 282 -6.93 -5.74 10.60
CA GLY A 282 -6.47 -6.36 9.26
CA GLY A 282 -6.47 -6.36 9.26
CA GLY A 282 -6.16 -6.52 9.60
CA GLY A 282 -6.16 -6.52 9.60
C GLY A 282 -5.26 -5.60 8.75
C GLY A 282 -5.26 -5.60 8.75
C GLY A 282 -5.11 -5.71 8.86
C GLY A 282 -5.11 -5.71 8.86
N PHE A 283 -4.85 -4.54 9.42
N PHE A 283 -4.85 -4.54 9.42
N PHE A 283 -4.94 -4.43 9.23
N PHE A 283 -4.94 -4.43 9.23
CA PHE A 283 -3.77 -3.65 8.92
CA PHE A 283 -3.77 -3.65 8.92
CA PHE A 283 -3.84 -3.58 8.74
CA PHE A 283 -3.84 -3.58 8.74
C PHE A 283 -2.54 -3.75 9.78
C PHE A 283 -2.54 -3.75 9.78
C PHE A 283 -2.64 -3.65 9.70
C PHE A 283 -2.64 -3.65 9.70
N TRP A 284 -1.47 -3.18 9.25
CA TRP A 284 -0.28 -2.91 10.07
C TRP A 284 -0.54 -1.61 10.80
N GLU A 285 -1.35 -1.70 11.85
CA GLU A 285 -1.85 -0.53 12.59
C GLU A 285 -1.00 -0.32 13.81
N TRP A 286 -0.51 0.86 14.04
CA TRP A 286 0.41 1.20 15.11
C TRP A 286 0.09 2.58 15.62
N THR A 287 0.78 3.02 16.64
CA THR A 287 0.54 4.34 17.26
C THR A 287 1.81 5.13 17.30
N SER A 288 1.87 6.17 16.48
CA SER A 288 2.96 7.12 16.56
C SER A 288 2.88 7.92 17.87
N THR A 289 4.03 8.33 18.34
CA THR A 289 4.13 9.04 19.63
C THR A 289 4.10 10.57 19.44
N GLY A 290 4.03 11.08 18.22
CA GLY A 290 3.82 12.53 18.08
C GLY A 290 4.49 13.05 16.85
N TYR A 291 4.63 14.36 16.78
CA TYR A 291 5.14 14.96 15.57
C TYR A 291 5.81 16.27 15.85
N ALA A 292 6.57 16.74 14.89
CA ALA A 292 7.10 18.10 14.88
C ALA A 292 7.01 18.63 13.48
N VAL A 293 6.89 19.95 13.37
CA VAL A 293 6.89 20.64 12.07
C VAL A 293 8.18 21.39 11.90
N GLY A 294 8.95 21.13 10.88
CA GLY A 294 10.24 21.80 10.68
C GLY A 294 11.09 21.68 11.90
N SER A 295 11.69 22.79 12.31
N SER A 295 11.65 22.82 12.32
N SER A 295 11.69 22.79 12.31
N SER A 295 11.65 22.82 12.32
CA SER A 295 12.59 22.84 13.48
CA SER A 295 12.57 22.96 13.48
CA SER A 295 12.59 22.83 13.48
CA SER A 295 12.57 22.96 13.49
C SER A 295 11.78 23.10 14.75
C SER A 295 11.79 22.94 14.79
C SER A 295 11.78 23.10 14.75
C SER A 295 11.79 22.94 14.79
N GLY A 296 10.45 23.01 14.73
CA GLY A 296 9.62 23.21 15.91
C GLY A 296 9.74 22.13 16.97
N THR A 297 9.18 22.42 18.13
CA THR A 297 9.17 21.49 19.28
C THR A 297 8.33 20.26 18.92
N PHE A 298 8.75 19.15 19.43
CA PHE A 298 8.01 17.91 19.25
C PHE A 298 6.78 17.90 20.14
N LYS A 299 5.63 17.60 19.61
CA LYS A 299 4.37 17.45 20.29
C LYS A 299 4.11 15.98 20.59
N SER A 300 4.10 15.61 21.85
CA SER A 300 3.82 14.23 22.29
C SER A 300 2.34 14.00 22.22
N THR A 301 1.88 13.13 21.35
CA THR A 301 0.47 12.86 21.18
C THR A 301 0.36 11.53 20.48
N SER A 302 -0.56 10.69 20.85
CA SER A 302 -0.74 9.37 20.22
C SER A 302 -1.48 9.52 18.92
N ILE A 303 -0.97 8.98 17.83
CA ILE A 303 -1.65 9.03 16.51
C ILE A 303 -1.69 7.62 16.01
N ASP A 304 -2.83 6.97 16.16
N ASP A 304 -2.86 7.02 16.05
N ASP A 304 -2.83 6.97 16.16
N ASP A 304 -2.88 7.04 15.98
CA ASP A 304 -3.06 5.63 15.59
CA ASP A 304 -3.03 5.64 15.58
CA ASP A 304 -3.08 5.63 15.60
CA ASP A 304 -3.14 5.65 15.55
C ASP A 304 -3.05 5.78 14.07
C ASP A 304 -3.24 5.64 14.07
C ASP A 304 -3.07 5.77 14.07
C ASP A 304 -3.32 5.59 14.03
N GLY A 305 -2.48 4.82 13.34
CA GLY A 305 -2.63 4.81 11.90
C GLY A 305 -2.04 3.55 11.33
N ILE A 306 -2.05 3.44 10.02
CA ILE A 306 -1.59 2.22 9.35
C ILE A 306 -0.37 2.52 8.52
N ALA A 307 0.51 1.57 8.41
CA ALA A 307 1.65 1.65 7.49
C ALA A 307 1.21 1.07 6.18
N ASP A 308 1.05 1.91 5.14
CA ASP A 308 0.38 1.53 3.89
C ASP A 308 1.21 1.90 2.65
N THR A 309 1.97 0.97 2.13
CA THR A 309 2.80 1.23 0.97
C THR A 309 1.97 1.52 -0.27
N GLY A 310 0.71 1.16 -0.30
N GLY A 310 0.71 1.16 -0.30
N GLY A 310 0.72 1.13 -0.24
N GLY A 310 0.72 1.13 -0.24
CA GLY A 310 -0.13 1.41 -1.49
CA GLY A 310 -0.13 1.41 -1.49
CA GLY A 310 -0.24 1.29 -1.34
CA GLY A 310 -0.24 1.29 -1.34
C GLY A 310 -0.93 2.69 -1.41
C GLY A 310 -0.93 2.69 -1.41
C GLY A 310 -0.73 2.72 -1.48
C GLY A 310 -0.73 2.72 -1.48
N THR A 311 -0.62 3.55 -0.44
CA THR A 311 -1.16 4.92 -0.40
C THR A 311 -0.01 5.87 -0.62
N THR A 312 -0.19 6.84 -1.52
CA THR A 312 0.92 7.76 -1.86
C THR A 312 1.27 8.68 -0.72
N LEU A 313 0.26 9.29 -0.14
CA LEU A 313 0.44 10.45 0.77
C LEU A 313 0.36 10.10 2.24
N LEU A 314 0.62 11.07 3.09
CA LEU A 314 0.56 10.96 4.55
C LEU A 314 -0.74 11.61 4.99
N TYR A 315 -1.70 10.85 5.54
CA TYR A 315 -3.01 11.33 5.99
C TYR A 315 -3.05 11.33 7.49
N LEU A 316 -3.22 12.48 8.10
CA LEU A 316 -3.12 12.66 9.54
C LEU A 316 -4.29 13.49 10.03
N PRO A 317 -4.50 13.57 11.34
CA PRO A 317 -5.65 14.32 11.86
C PRO A 317 -5.57 15.79 11.43
N ALA A 318 -6.74 16.40 11.32
CA ALA A 318 -6.85 17.78 10.85
C ALA A 318 -6.02 18.72 11.68
N THR A 319 -5.97 18.55 12.97
CA THR A 319 -5.17 19.42 13.85
C THR A 319 -3.72 19.43 13.42
N VAL A 320 -3.19 18.23 13.19
CA VAL A 320 -1.76 18.05 12.86
C VAL A 320 -1.48 18.68 11.51
N VAL A 321 -2.35 18.38 10.56
CA VAL A 321 -2.15 18.85 9.18
C VAL A 321 -2.27 20.37 9.13
N SER A 322 -3.22 20.97 9.86
CA SER A 322 -3.34 22.44 9.94
C SER A 322 -2.07 23.04 10.51
N ALA A 323 -1.51 22.44 11.54
CA ALA A 323 -0.28 22.93 12.12
C ALA A 323 0.87 22.87 11.14
N TYR A 324 0.94 21.86 10.31
CA TYR A 324 2.01 21.78 9.30
C TYR A 324 1.81 22.90 8.27
N TRP A 325 0.65 22.97 7.63
CA TRP A 325 0.51 23.91 6.51
C TRP A 325 0.45 25.37 6.97
N ALA A 326 0.19 25.62 8.21
CA ALA A 326 0.27 26.99 8.75
C ALA A 326 1.70 27.49 8.65
N GLN A 327 2.69 26.65 8.53
CA GLN A 327 4.08 27.10 8.43
C GLN A 327 4.46 27.36 6.99
N VAL A 328 3.58 27.28 6.03
CA VAL A 328 3.90 27.47 4.59
C VAL A 328 3.06 28.66 4.13
N SER A 329 3.75 29.75 3.78
N SER A 329 3.75 29.77 3.81
N SER A 329 3.75 29.75 3.78
N SER A 329 3.75 29.76 3.80
CA SER A 329 3.09 31.00 3.32
CA SER A 329 3.10 31.01 3.32
CA SER A 329 3.10 31.00 3.31
CA SER A 329 3.10 31.01 3.32
C SER A 329 2.24 30.69 2.08
C SER A 329 2.25 30.69 2.09
C SER A 329 2.24 30.69 2.08
C SER A 329 2.25 30.69 2.09
N GLY A 330 0.98 31.03 2.15
CA GLY A 330 0.05 30.87 1.05
C GLY A 330 -0.57 29.50 0.93
N ALA A 331 -0.27 28.56 1.84
CA ALA A 331 -0.93 27.24 1.78
C ALA A 331 -2.35 27.35 2.25
N LYS A 332 -3.23 26.55 1.68
CA LYS A 332 -4.62 26.56 2.08
C LYS A 332 -5.23 25.24 1.68
N SER A 333 -6.32 24.93 2.34
CA SER A 333 -7.14 23.77 1.98
C SER A 333 -8.14 24.19 0.90
N SER A 334 -8.11 23.56 -0.22
CA SER A 334 -8.97 23.83 -1.37
C SER A 334 -9.98 22.70 -1.52
N SER A 335 -11.26 22.98 -1.27
N SER A 335 -11.25 23.03 -1.26
N SER A 335 -11.26 22.98 -1.27
N SER A 335 -11.25 23.03 -1.26
CA SER A 335 -12.37 22.02 -1.53
CA SER A 335 -12.41 22.15 -1.51
CA SER A 335 -12.37 22.02 -1.53
CA SER A 335 -12.42 22.16 -1.51
C SER A 335 -12.44 21.73 -3.04
C SER A 335 -12.49 21.78 -3.01
C SER A 335 -12.44 21.73 -3.04
C SER A 335 -12.49 21.78 -3.00
N SER A 336 -12.15 22.70 -3.91
CA SER A 336 -12.19 22.47 -5.37
C SER A 336 -11.13 21.45 -5.79
N VAL A 337 -9.92 21.55 -5.24
CA VAL A 337 -8.82 20.65 -5.63
C VAL A 337 -8.92 19.33 -4.84
N GLY A 338 -9.42 19.38 -3.61
CA GLY A 338 -9.58 18.22 -2.73
C GLY A 338 -8.43 18.05 -1.76
N GLY A 339 -7.83 19.11 -1.30
CA GLY A 339 -6.89 19.05 -0.19
C GLY A 339 -6.07 20.29 -0.12
N TYR A 340 -5.07 20.28 0.70
CA TYR A 340 -4.11 21.36 0.86
C TYR A 340 -3.24 21.48 -0.38
N VAL A 341 -3.17 22.76 -0.77
CA VAL A 341 -2.31 23.22 -1.88
C VAL A 341 -1.42 24.32 -1.35
N PHE A 342 -0.35 24.58 -2.08
CA PHE A 342 0.63 25.55 -1.63
C PHE A 342 1.29 26.15 -2.85
N PRO A 343 1.90 27.36 -2.72
CA PRO A 343 2.57 27.93 -3.88
C PRO A 343 3.75 27.09 -4.29
N CYS A 344 3.85 26.83 -5.61
CA CYS A 344 4.98 26.05 -6.09
C CYS A 344 6.34 26.73 -5.79
N SER A 345 6.33 28.02 -5.56
CA SER A 345 7.56 28.75 -5.19
C SER A 345 8.00 28.48 -3.78
N ALA A 346 7.22 27.82 -2.93
CA ALA A 346 7.54 27.62 -1.51
C ALA A 346 8.66 26.61 -1.36
N THR A 347 9.42 26.78 -0.29
CA THR A 347 10.28 25.74 0.29
C THR A 347 9.55 25.14 1.48
N LEU A 348 9.27 23.85 1.48
CA LEU A 348 8.47 23.21 2.53
C LEU A 348 9.32 22.85 3.72
N PRO A 349 8.76 22.96 4.92
CA PRO A 349 9.42 22.42 6.11
C PRO A 349 9.35 20.90 6.14
N SER A 350 10.28 20.33 6.87
CA SER A 350 10.21 18.90 7.16
C SER A 350 9.05 18.59 8.10
N PHE A 351 8.77 17.30 8.23
CA PHE A 351 7.77 16.80 9.15
C PHE A 351 8.38 15.62 9.87
N THR A 352 8.36 15.64 11.18
CA THR A 352 8.91 14.52 11.98
C THR A 352 7.78 13.75 12.60
N PHE A 353 7.83 12.43 12.58
CA PHE A 353 6.89 11.63 13.36
C PHE A 353 7.64 10.75 14.34
N GLY A 354 6.99 10.49 15.46
CA GLY A 354 7.60 9.66 16.52
C GLY A 354 7.29 8.19 16.36
N VAL A 355 8.32 7.39 16.64
CA VAL A 355 8.20 5.91 16.75
C VAL A 355 8.80 5.61 18.11
N GLY A 356 7.96 5.36 19.10
CA GLY A 356 8.48 5.28 20.48
C GLY A 356 9.25 6.53 20.77
N SER A 357 10.45 6.40 21.34
N SER A 357 10.46 6.36 21.31
N SER A 357 10.46 6.42 21.36
N SER A 357 10.45 6.36 21.30
CA SER A 357 11.34 7.55 21.64
CA SER A 357 11.37 7.47 21.67
CA SER A 357 11.32 7.59 21.63
CA SER A 357 11.36 7.49 21.66
C SER A 357 12.13 8.00 20.42
C SER A 357 12.16 7.96 20.44
C SER A 357 12.14 8.01 20.41
C SER A 357 12.16 7.96 20.44
N ALA A 358 12.06 7.28 19.30
CA ALA A 358 12.78 7.63 18.08
C ALA A 358 11.96 8.60 17.21
N ARG A 359 12.63 9.13 16.25
CA ARG A 359 12.02 10.16 15.37
C ARG A 359 12.39 9.88 13.95
N ILE A 360 11.46 9.93 13.03
CA ILE A 360 11.72 9.82 11.58
C ILE A 360 11.40 11.19 10.98
N VAL A 361 12.35 11.72 10.26
CA VAL A 361 12.20 13.05 9.64
C VAL A 361 11.93 12.88 8.15
N ILE A 362 10.78 13.42 7.73
CA ILE A 362 10.41 13.50 6.33
C ILE A 362 10.90 14.83 5.79
N PRO A 363 11.89 14.87 4.88
CA PRO A 363 12.35 16.14 4.31
C PRO A 363 11.18 16.86 3.67
N GLY A 364 11.25 18.20 3.68
CA GLY A 364 10.23 19.02 3.02
C GLY A 364 10.01 18.67 1.58
N ASP A 365 11.07 18.35 0.83
N ASP A 365 11.08 18.36 0.84
N ASP A 365 11.07 18.35 0.83
N ASP A 365 11.08 18.35 0.84
CA ASP A 365 10.91 18.05 -0.60
CA ASP A 365 10.97 18.06 -0.61
CA ASP A 365 10.89 18.07 -0.61
CA ASP A 365 10.96 18.06 -0.62
C ASP A 365 10.03 16.82 -0.82
C ASP A 365 10.06 16.84 -0.82
C ASP A 365 10.04 16.82 -0.82
C ASP A 365 10.07 16.83 -0.83
N TYR A 366 9.99 15.90 0.14
CA TYR A 366 9.17 14.70 -0.02
C TYR A 366 7.67 15.07 0.00
N ILE A 367 7.31 16.23 0.49
CA ILE A 367 5.92 16.63 0.73
C ILE A 367 5.42 17.42 -0.49
N ASP A 368 6.27 17.50 -1.53
N ASP A 368 6.27 17.84 -1.41
CA ASP A 368 5.88 18.21 -2.77
CA ASP A 368 5.82 18.60 -2.60
C ASP A 368 5.38 17.22 -3.80
C ASP A 368 5.43 17.62 -3.75
N PHE A 369 4.12 17.45 -4.11
CA PHE A 369 3.57 16.61 -5.17
C PHE A 369 3.29 17.41 -6.44
N GLY A 370 3.88 18.56 -6.59
CA GLY A 370 3.94 19.26 -7.87
C GLY A 370 2.62 19.90 -8.22
N PRO A 371 2.63 20.51 -9.43
CA PRO A 371 1.48 21.29 -9.86
C PRO A 371 0.17 20.53 -9.83
N ILE A 372 -0.87 21.16 -9.45
CA ILE A 372 -2.19 20.49 -9.38
C ILE A 372 -2.67 20.10 -10.75
N SER A 373 -2.30 20.82 -11.75
CA SER A 373 -2.59 20.54 -13.17
C SER A 373 -1.39 21.03 -13.90
N THR A 374 -1.18 20.47 -15.08
CA THR A 374 0.04 20.76 -15.75
C THR A 374 0.26 22.30 -15.94
N GLY A 375 1.40 22.80 -15.54
CA GLY A 375 1.76 24.19 -15.68
C GLY A 375 1.25 25.16 -14.59
N SER A 376 0.45 24.63 -13.67
CA SER A 376 -0.06 25.46 -12.58
C SER A 376 1.05 25.90 -11.62
N SER A 377 0.87 27.05 -11.02
CA SER A 377 1.77 27.45 -9.92
C SER A 377 1.20 27.10 -8.55
N SER A 378 0.07 26.41 -8.49
N SER A 378 0.10 26.35 -8.50
N SER A 378 0.07 26.41 -8.49
N SER A 378 0.10 26.35 -8.50
CA SER A 378 -0.40 25.79 -7.25
CA SER A 378 -0.48 25.77 -7.27
CA SER A 378 -0.40 25.79 -7.25
CA SER A 378 -0.48 25.77 -7.27
C SER A 378 0.07 24.34 -7.24
C SER A 378 -0.03 24.30 -7.19
C SER A 378 0.07 24.34 -7.24
C SER A 378 -0.03 24.30 -7.19
N CYS A 379 0.65 23.94 -6.11
CA CYS A 379 1.23 22.60 -5.94
C CYS A 379 0.42 21.86 -4.89
N PHE A 380 0.38 20.55 -5.06
CA PHE A 380 -0.42 19.69 -4.18
C PHE A 380 0.44 19.17 -3.02
N GLY A 381 -0.10 19.28 -1.83
CA GLY A 381 0.62 18.84 -0.63
C GLY A 381 0.65 17.33 -0.40
N GLY A 382 1.74 16.88 0.17
CA GLY A 382 1.91 15.46 0.48
C GLY A 382 1.41 15.04 1.84
N ILE A 383 1.02 15.98 2.65
CA ILE A 383 0.41 15.75 3.96
C ILE A 383 -1.01 16.26 3.84
N GLN A 384 -1.99 15.43 4.11
CA GLN A 384 -3.41 15.76 3.93
C GLN A 384 -4.18 15.29 5.12
N SER A 385 -5.35 15.83 5.32
CA SER A 385 -6.20 15.43 6.44
C SER A 385 -6.80 14.06 6.22
N SER A 386 -6.83 13.28 7.27
CA SER A 386 -7.55 12.01 7.30
C SER A 386 -8.99 12.15 7.71
N ALA A 387 -9.53 13.36 7.82
N ALA A 387 -9.45 13.33 8.10
N ALA A 387 -9.51 13.36 7.83
N ALA A 387 -9.46 13.32 8.09
CA ALA A 387 -10.91 13.58 8.26
CA ALA A 387 -10.77 13.47 8.76
CA ALA A 387 -10.90 13.58 8.28
CA ALA A 387 -10.77 13.47 8.76
C ALA A 387 -11.85 13.04 7.18
C ALA A 387 -11.90 12.84 7.94
C ALA A 387 -11.85 13.06 7.21
C ALA A 387 -11.90 12.81 7.93
N GLY A 388 -12.75 12.14 7.55
N GLY A 388 -11.84 12.78 6.60
N GLY A 388 -12.74 12.15 7.60
N GLY A 388 -11.85 12.78 6.60
CA GLY A 388 -13.73 11.53 6.64
CA GLY A 388 -12.89 12.18 5.76
CA GLY A 388 -13.72 11.54 6.69
CA GLY A 388 -12.93 12.18 5.77
C GLY A 388 -13.20 10.24 6.07
C GLY A 388 -12.56 10.76 5.30
C GLY A 388 -13.20 10.23 6.13
C GLY A 388 -12.76 10.69 5.54
N ILE A 389 -11.90 9.96 6.24
N ILE A 389 -11.67 10.06 6.01
N ILE A 389 -11.89 9.97 6.25
N ILE A 389 -11.66 10.08 6.02
CA ILE A 389 -11.29 8.69 5.77
CA ILE A 389 -11.24 8.64 5.77
CA ILE A 389 -11.29 8.69 5.77
CA ILE A 389 -11.25 8.65 5.79
C ILE A 389 -11.46 7.65 6.89
C ILE A 389 -11.70 7.70 6.88
C ILE A 389 -11.47 7.66 6.89
C ILE A 389 -11.71 7.72 6.89
N GLY A 390 -11.56 8.10 8.14
CA GLY A 390 -11.82 7.22 9.29
C GLY A 390 -10.57 6.54 9.80
N ILE A 391 -9.40 6.77 9.18
CA ILE A 391 -8.12 6.20 9.65
C ILE A 391 -7.00 7.13 9.19
N ASN A 392 -5.98 7.18 10.02
CA ASN A 392 -4.72 7.87 9.66
C ASN A 392 -3.87 6.91 8.86
N ILE A 393 -3.18 7.41 7.85
CA ILE A 393 -2.43 6.54 6.90
C ILE A 393 -1.05 7.06 6.75
N PHE A 394 -0.08 6.28 7.19
CA PHE A 394 1.34 6.52 6.92
C PHE A 394 1.62 5.90 5.58
N GLY A 395 1.39 6.63 4.52
CA GLY A 395 1.63 6.20 3.16
C GLY A 395 3.08 6.43 2.76
N ASP A 396 3.31 6.39 1.47
CA ASP A 396 4.67 6.41 0.94
C ASP A 396 5.46 7.65 1.35
N VAL A 397 4.82 8.80 1.43
CA VAL A 397 5.51 10.03 1.88
C VAL A 397 6.24 9.77 3.17
N ALA A 398 5.61 9.13 4.10
CA ALA A 398 6.23 8.81 5.40
C ALA A 398 7.17 7.61 5.27
N LEU A 399 6.69 6.54 4.65
CA LEU A 399 7.48 5.29 4.71
C LEU A 399 8.77 5.43 3.96
N LYS A 400 8.80 6.20 2.87
N LYS A 400 8.84 6.21 2.88
N LYS A 400 8.80 6.20 2.87
N LYS A 400 8.84 6.21 2.88
CA LYS A 400 10.01 6.37 2.04
CA LYS A 400 10.08 6.29 2.10
CA LYS A 400 10.00 6.37 2.03
CA LYS A 400 10.08 6.29 2.10
C LYS A 400 11.13 7.06 2.84
C LYS A 400 11.16 7.11 2.80
C LYS A 400 11.13 7.06 2.84
C LYS A 400 11.16 7.11 2.80
N ALA A 401 10.81 7.78 3.91
CA ALA A 401 11.81 8.42 4.78
C ALA A 401 12.46 7.40 5.72
N ALA A 402 12.06 6.16 5.70
CA ALA A 402 12.54 5.18 6.69
C ALA A 402 12.84 3.87 5.98
N PHE A 403 13.59 3.03 6.71
CA PHE A 403 13.69 1.58 6.47
C PHE A 403 12.65 0.95 7.37
N VAL A 404 11.69 0.24 6.83
CA VAL A 404 10.52 -0.22 7.59
C VAL A 404 10.51 -1.75 7.61
N VAL A 405 10.40 -2.28 8.81
CA VAL A 405 10.35 -3.73 9.03
C VAL A 405 8.93 -4.13 9.37
N PHE A 406 8.37 -5.01 8.59
CA PHE A 406 7.05 -5.59 8.84
C PHE A 406 7.30 -6.97 9.41
N ASN A 407 7.26 -7.02 10.75
CA ASN A 407 7.60 -8.25 11.51
C ASN A 407 6.36 -9.08 11.71
N GLY A 408 6.28 -10.19 10.96
CA GLY A 408 5.14 -11.12 10.99
C GLY A 408 5.34 -12.29 11.94
N ALA A 409 6.14 -12.13 12.95
CA ALA A 409 6.18 -13.14 14.03
C ALA A 409 4.85 -13.24 14.73
N THR A 410 4.81 -14.24 15.65
CA THR A 410 3.56 -14.61 16.36
C THR A 410 2.85 -13.35 16.87
N THR A 411 3.63 -12.48 17.50
CA THR A 411 3.19 -11.12 17.90
C THR A 411 3.75 -10.16 16.85
N PRO A 412 2.93 -9.70 15.85
CA PRO A 412 3.53 -8.80 14.85
C PRO A 412 3.94 -7.48 15.45
N THR A 413 4.96 -6.87 14.89
CA THR A 413 5.41 -5.53 15.25
C THR A 413 5.88 -4.82 13.99
N LEU A 414 5.98 -3.49 14.04
N LEU A 414 6.24 -3.56 14.16
N LEU A 414 5.98 -3.49 14.04
N LEU A 414 6.24 -3.56 14.16
CA LEU A 414 6.65 -2.70 12.99
CA LEU A 414 6.63 -2.70 13.03
CA LEU A 414 6.65 -2.70 12.99
CA LEU A 414 6.63 -2.70 13.03
C LEU A 414 7.96 -2.19 13.52
C LEU A 414 7.88 -1.93 13.44
C LEU A 414 7.96 -2.19 13.52
C LEU A 414 7.88 -1.93 13.44
N GLY A 415 8.95 -2.04 12.66
CA GLY A 415 10.15 -1.36 13.01
C GLY A 415 10.44 -0.22 12.04
N PHE A 416 11.00 0.85 12.55
CA PHE A 416 11.45 1.96 11.73
C PHE A 416 12.86 2.32 12.03
N ALA A 417 13.67 2.55 11.01
CA ALA A 417 15.01 3.08 11.15
C ALA A 417 15.16 4.25 10.18
N SER A 418 15.98 5.19 10.54
CA SER A 418 16.44 6.21 9.58
C SER A 418 17.35 5.56 8.54
N LYS A 419 17.59 6.25 7.43
CA LYS A 419 18.45 5.69 6.38
C LYS A 419 19.12 6.83 5.58
C4 R8P B . -5.19 1.82 -4.93
C4 R8P B . -5.19 1.82 -4.93
C5 R8P B . -3.95 1.25 -4.76
C5 R8P B . -3.95 1.25 -4.76
C6 R8P B . -2.98 1.31 -5.74
C6 R8P B . -2.98 1.31 -5.74
C7 R8P B . -3.26 2.00 -6.91
C7 R8P B . -3.26 2.00 -6.91
O1 R8P B . -4.23 1.11 -2.45
O1 R8P B . -4.23 1.11 -2.45
N R8P B . -3.58 0.72 -3.44
N R8P B . -3.58 0.72 -3.44
O R8P B . -2.53 0.13 -3.35
O R8P B . -2.53 0.13 -3.35
C3 R8P B . -5.44 2.51 -6.09
C3 R8P B . -5.44 2.51 -6.09
C2 R8P B . -4.48 2.64 -7.09
C2 R8P B . -4.48 2.64 -7.09
C1 R8P B . -4.72 3.59 -8.25
C1 R8P B . -4.72 3.59 -8.25
O2 R8P B . -3.63 4.51 -8.29
O2 R8P B . -3.63 4.51 -8.29
C R8P B . -4.83 2.97 -9.60
C R8P B . -4.83 2.97 -9.60
S DMS C . -3.27 6.58 -4.00
O DMS C . -2.90 6.84 -2.54
C1 DMS C . -4.78 5.78 -3.87
C2 DMS C . -2.30 5.26 -4.63
S DMS D . -11.83 5.39 -10.48
O DMS D . -11.10 4.05 -10.56
C1 DMS D . -13.56 5.00 -10.30
C2 DMS D . -11.55 5.97 -8.83
C1 GOL E . 3.99 30.83 7.31
O1 GOL E . 2.81 31.54 6.98
C2 GOL E . 4.39 30.99 8.76
O2 GOL E . 5.36 30.03 9.18
C3 GOL E . 3.26 31.06 9.73
O3 GOL E . 2.89 32.43 9.79
S DMS F . 9.94 26.08 11.28
O DMS F . 10.87 25.01 10.82
C1 DMS F . 8.42 25.76 10.45
C2 DMS F . 9.44 25.69 12.94
C1 GOL G . 20.53 -2.03 14.23
C1 GOL G . 20.26 -1.96 14.30
O1 GOL G . 21.33 -2.78 13.28
O1 GOL G . 20.18 -2.28 12.91
C2 GOL G . 21.54 -1.77 15.31
C2 GOL G . 21.69 -1.80 14.78
O2 GOL G . 21.04 -1.50 16.61
O2 GOL G . 22.40 -0.92 13.92
C3 GOL G . 22.35 -3.03 15.39
C3 GOL G . 22.45 -3.10 14.93
O3 GOL G . 21.57 -4.09 15.92
O3 GOL G . 23.62 -2.94 15.73
C1 GOL H . 16.15 9.48 6.30
O1 GOL H . 15.73 8.68 7.42
C2 GOL H . 15.25 10.65 5.98
O2 GOL H . 15.25 11.53 7.11
C3 GOL H . 15.71 11.34 4.73
O3 GOL H . 17.02 11.88 4.92
C1 GOL I . -8.93 11.95 12.38
C1 GOL I . -8.35 11.70 12.02
O1 GOL I . -9.19 12.75 13.52
O1 GOL I . -9.10 12.37 11.02
C2 GOL I . -9.57 10.54 12.52
C2 GOL I . -9.09 10.48 12.49
O2 GOL I . -10.95 10.68 12.41
O2 GOL I . -10.20 10.92 13.29
C3 GOL I . -8.97 9.58 11.56
C3 GOL I . -9.55 9.61 11.34
O3 GOL I . -9.59 9.69 10.30
O3 GOL I . -10.76 10.08 10.74
C1 GOL J . -1.51 30.44 3.80
O1 GOL J . -2.70 31.07 3.35
C2 GOL J . -0.96 30.94 5.12
O2 GOL J . -0.29 29.83 5.76
C3 GOL J . -0.04 32.13 4.96
O3 GOL J . 0.46 32.56 6.22
C ACT K . 7.12 21.90 -7.72
O ACT K . 6.71 22.33 -8.85
OXT ACT K . 7.06 20.66 -7.50
CH3 ACT K . 7.61 22.92 -6.55
O1 PG4 L . -4.14 11.89 -4.60
C1 PG4 L . -3.29 10.77 -4.45
C2 PG4 L . -1.84 11.14 -4.54
O2 PG4 L . -1.62 11.95 -5.67
C3 PG4 L . -0.38 12.65 -5.63
C4 PG4 L . -0.17 13.33 -6.94
O3 PG4 L . -0.89 14.56 -6.94
C5 PG4 L . -0.67 15.33 -8.12
C6 PG4 L . -1.51 16.58 -8.06
O4 PG4 L . -2.89 16.23 -7.89
C7 PG4 L . -3.76 17.36 -7.89
C8 PG4 L . -5.16 16.88 -7.77
O5 PG4 L . -5.33 16.01 -6.66
NA NA M . -3.79 13.36 -7.07
#